data_8VHK
#
_entry.id   8VHK
#
_cell.length_a   1.00
_cell.length_b   1.00
_cell.length_c   1.00
_cell.angle_alpha   90.00
_cell.angle_beta   90.00
_cell.angle_gamma   90.00
#
_symmetry.space_group_name_H-M   'P 1'
#
_entity_poly.entity_id   1
_entity_poly.type   'polypeptide(L)'
_entity_poly.pdbx_seq_one_letter_code
;MASTVSNTSKLEKPVSLIWGCELNEQNKTFEFKVEDDEEKCEHQLALRTVCLGDKAKDEFHIVEIVTQEEGAEKSVPIAT
LKPSILPMATMVGIELTPPVTFRLKAGSGPLYISGQHVAMEEDYSWAEEEDEGEAEGEEEEEEEEDQESPPKAVKRPAAT
KKAGQAKKKLDKEDESSEEDSPTKKGKGAGRGRKPAAKK
;
_entity_poly.pdbx_strand_id   A,B,C,D,E
#
# COMPACT_ATOMS: atom_id res chain seq x y z
N SER A 16 10.06 16.34 15.72
CA SER A 16 9.06 15.34 15.37
C SER A 16 8.56 14.61 16.61
N LEU A 17 7.57 15.20 17.29
CA LEU A 17 7.00 14.61 18.49
C LEU A 17 6.11 13.43 18.10
N ILE A 18 5.90 12.51 19.04
CA ILE A 18 5.11 11.32 18.74
C ILE A 18 3.77 11.41 19.46
N TRP A 19 2.68 11.19 18.73
CA TRP A 19 1.33 11.47 19.21
C TRP A 19 0.45 10.25 19.09
N GLY A 20 -0.43 10.08 20.08
CA GLY A 20 -1.42 9.03 20.05
C GLY A 20 -2.64 9.44 20.86
N CYS A 21 -3.81 9.07 20.34
CA CYS A 21 -5.07 9.38 21.01
C CYS A 21 -6.04 8.24 20.78
N GLU A 22 -7.26 8.39 21.30
CA GLU A 22 -8.30 7.39 21.16
C GLU A 22 -9.67 8.04 21.01
N LEU A 23 -10.44 7.57 20.05
CA LEU A 23 -11.83 7.98 19.87
C LEU A 23 -12.77 6.89 20.35
N ASN A 24 -13.54 7.19 21.39
CA ASN A 24 -14.39 6.21 22.03
C ASN A 24 -15.76 6.84 22.27
N GLU A 25 -16.60 6.15 23.05
CA GLU A 25 -17.97 6.62 23.26
C GLU A 25 -18.00 7.82 24.21
N GLN A 26 -17.04 7.91 25.12
CA GLN A 26 -16.82 9.15 25.87
C GLN A 26 -16.02 10.18 25.10
N ASN A 27 -15.37 9.77 24.00
CA ASN A 27 -14.52 10.65 23.23
C ASN A 27 -14.96 10.62 21.76
N LYS A 28 -16.26 10.80 21.53
CA LYS A 28 -16.77 10.88 20.17
C LYS A 28 -16.16 12.05 19.40
N THR A 29 -15.83 13.13 20.11
CA THR A 29 -15.13 14.27 19.53
C THR A 29 -13.82 14.50 20.28
N PHE A 30 -12.73 14.56 19.52
CA PHE A 30 -11.41 14.82 20.09
C PHE A 30 -10.82 16.04 19.39
N GLU A 31 -10.12 16.87 20.17
CA GLU A 31 -9.54 18.09 19.66
C GLU A 31 -8.02 17.98 19.67
N PHE A 32 -7.41 18.19 18.50
CA PHE A 32 -5.96 18.20 18.35
C PHE A 32 -5.47 19.65 18.31
N LYS A 33 -4.58 19.98 19.24
CA LYS A 33 -3.93 21.29 19.27
C LYS A 33 -2.52 21.13 19.79
N VAL A 34 -1.53 21.35 18.92
CA VAL A 34 -0.14 21.30 19.33
C VAL A 34 0.19 22.56 20.13
N GLU A 35 1.20 22.45 20.99
CA GLU A 35 1.60 23.60 21.80
C GLU A 35 2.20 24.67 20.89
N ASP A 36 2.05 25.93 21.31
CA ASP A 36 2.44 27.06 20.48
C ASP A 36 3.95 27.08 20.20
N ASP A 37 4.75 26.45 21.08
CA ASP A 37 6.19 26.44 20.89
C ASP A 37 6.57 25.82 19.55
N GLU A 38 6.01 24.66 19.23
CA GLU A 38 6.28 24.00 17.95
C GLU A 38 5.77 24.81 16.77
N GLU A 39 4.93 25.82 17.01
CA GLU A 39 4.50 26.71 15.93
C GLU A 39 5.62 27.62 15.44
N LYS A 40 6.76 27.64 16.13
CA LYS A 40 7.90 28.42 15.65
C LYS A 40 8.40 27.92 14.29
N CYS A 41 8.48 26.61 14.12
CA CYS A 41 8.87 25.98 12.85
C CYS A 41 7.63 25.29 12.29
N GLU A 42 7.25 25.64 11.06
CA GLU A 42 5.83 25.63 10.72
C GLU A 42 5.29 24.21 10.72
N HIS A 43 4.19 24.01 11.47
CA HIS A 43 3.87 22.71 12.04
C HIS A 43 2.58 22.15 11.48
N GLN A 44 2.55 20.82 11.35
CA GLN A 44 1.36 20.06 10.99
C GLN A 44 1.38 18.74 11.74
N LEU A 45 0.35 17.93 11.51
CA LEU A 45 0.26 16.60 12.10
C LEU A 45 0.15 15.56 10.99
N ALA A 46 1.07 14.60 11.00
CA ALA A 46 1.08 13.53 10.01
C ALA A 46 0.61 12.24 10.66
N LEU A 47 -0.33 11.56 10.02
CA LEU A 47 -0.95 10.39 10.62
C LEU A 47 -0.62 9.13 9.84
N ARG A 48 -0.39 8.05 10.59
CA ARG A 48 0.07 6.80 9.98
C ARG A 48 -0.86 5.61 10.22
N THR A 49 -1.26 5.34 11.47
CA THR A 49 -1.99 4.11 11.74
C THR A 49 -3.17 4.35 12.67
N VAL A 50 -4.17 3.49 12.54
CA VAL A 50 -5.36 3.48 13.40
C VAL A 50 -5.70 2.04 13.69
N CYS A 51 -5.96 1.73 14.96
CA CYS A 51 -6.23 0.35 15.36
C CYS A 51 -7.38 0.31 16.34
N LEU A 52 -8.06 -0.83 16.41
CA LEU A 52 -9.20 -0.97 17.31
C LEU A 52 -8.72 -1.01 18.76
N GLY A 53 -9.56 -0.52 19.67
CA GLY A 53 -9.27 -0.59 21.08
C GLY A 53 -9.66 -1.93 21.67
N ASP A 54 -9.25 -2.15 22.92
CA ASP A 54 -9.57 -3.39 23.61
C ASP A 54 -11.04 -3.47 24.01
N LYS A 55 -11.70 -2.33 24.14
CA LYS A 55 -13.11 -2.27 24.51
C LYS A 55 -14.01 -2.03 23.30
N ALA A 56 -13.45 -2.15 22.10
CA ALA A 56 -14.23 -1.91 20.89
C ALA A 56 -15.29 -2.99 20.68
N LYS A 57 -16.44 -2.58 20.17
CA LYS A 57 -17.54 -3.48 19.89
C LYS A 57 -17.57 -3.85 18.41
N ASP A 58 -18.39 -4.84 18.08
CA ASP A 58 -18.53 -5.31 16.71
C ASP A 58 -19.58 -4.47 15.99
N GLU A 59 -19.16 -3.28 15.58
CA GLU A 59 -20.01 -2.38 14.82
C GLU A 59 -19.14 -1.49 13.96
N PHE A 60 -19.79 -0.69 13.11
CA PHE A 60 -19.08 0.20 12.21
C PHE A 60 -18.75 1.52 12.93
N HIS A 61 -17.45 1.83 12.96
CA HIS A 61 -16.91 2.96 13.73
C HIS A 61 -16.34 3.98 12.74
N ILE A 62 -17.10 5.03 12.47
CA ILE A 62 -16.78 5.95 11.37
C ILE A 62 -16.02 7.15 11.94
N VAL A 63 -14.71 7.18 11.71
CA VAL A 63 -13.82 8.26 12.11
C VAL A 63 -13.67 9.25 10.96
N GLU A 64 -13.81 10.54 11.29
CA GLU A 64 -13.71 11.64 10.36
C GLU A 64 -12.67 12.65 10.86
N ILE A 65 -12.01 13.30 9.91
CA ILE A 65 -11.18 14.47 10.18
C ILE A 65 -12.01 15.71 9.85
N VAL A 66 -12.07 16.64 10.78
CA VAL A 66 -13.02 17.75 10.74
C VAL A 66 -12.27 19.06 10.86
N THR A 67 -12.57 19.98 9.93
CA THR A 67 -12.10 21.36 9.97
C THR A 67 -13.23 22.26 9.46
N GLN A 68 -12.90 23.50 9.12
CA GLN A 68 -13.89 24.47 8.67
C GLN A 68 -13.80 24.64 7.15
N GLU A 69 -14.95 24.50 6.49
CA GLU A 69 -15.06 24.76 5.06
C GLU A 69 -16.32 25.59 4.81
N GLU A 70 -16.19 26.66 4.03
CA GLU A 70 -17.28 27.59 3.74
C GLU A 70 -17.82 28.22 5.02
N GLY A 71 -17.04 28.19 6.10
CA GLY A 71 -17.47 28.69 7.38
C GLY A 71 -18.24 27.69 8.22
N ALA A 72 -18.55 26.52 7.68
CA ALA A 72 -19.30 25.50 8.38
C ALA A 72 -18.42 24.33 8.78
N GLU A 73 -18.91 23.53 9.73
CA GLU A 73 -18.19 22.35 10.20
C GLU A 73 -18.20 21.28 9.12
N LYS A 74 -17.03 21.06 8.51
CA LYS A 74 -16.87 20.08 7.43
C LYS A 74 -16.20 18.84 7.99
N SER A 75 -16.80 17.69 7.71
CA SER A 75 -16.28 16.41 8.15
C SER A 75 -15.81 15.60 6.95
N VAL A 76 -14.74 14.83 7.16
CA VAL A 76 -14.17 13.97 6.14
C VAL A 76 -14.12 12.54 6.66
N PRO A 77 -15.09 11.69 6.31
CA PRO A 77 -15.00 10.28 6.69
C PRO A 77 -13.68 9.66 6.21
N ILE A 78 -12.85 9.30 7.17
CA ILE A 78 -11.55 8.70 6.90
C ILE A 78 -11.61 7.18 6.96
N ALA A 79 -12.20 6.63 8.02
CA ALA A 79 -12.21 5.17 8.14
C ALA A 79 -13.49 4.72 8.86
N THR A 80 -13.81 3.44 8.71
CA THR A 80 -14.93 2.82 9.40
C THR A 80 -14.51 1.45 9.93
N LEU A 81 -14.00 1.41 11.16
CA LEU A 81 -13.42 0.18 11.68
C LEU A 81 -14.50 -0.73 12.25
N LYS A 82 -14.31 -2.04 12.05
CA LYS A 82 -15.22 -3.06 12.52
C LYS A 82 -14.45 -4.37 12.67
N PRO A 83 -14.54 -5.04 13.83
CA PRO A 83 -13.78 -6.29 14.01
C PRO A 83 -14.09 -7.37 13.00
N SER A 84 -15.31 -7.40 12.48
CA SER A 84 -15.73 -8.46 11.57
C SER A 84 -15.42 -8.16 10.10
N ILE A 85 -14.98 -6.95 9.77
CA ILE A 85 -14.68 -6.62 8.37
C ILE A 85 -13.22 -6.19 8.24
N LEU A 86 -12.86 -5.08 8.90
CA LEU A 86 -11.47 -4.61 8.95
C LEU A 86 -11.33 -3.67 10.14
N PRO A 87 -10.70 -4.14 11.21
CA PRO A 87 -10.53 -3.29 12.41
C PRO A 87 -9.34 -2.33 12.33
N MET A 88 -8.68 -2.21 11.19
CA MET A 88 -7.44 -1.45 11.12
C MET A 88 -7.45 -0.48 9.95
N ALA A 89 -6.57 0.50 10.01
CA ALA A 89 -6.36 1.41 8.88
C ALA A 89 -4.93 1.91 8.91
N THR A 90 -4.32 1.99 7.73
CA THR A 90 -3.00 2.59 7.56
C THR A 90 -3.15 3.91 6.81
N MET A 91 -2.91 5.01 7.51
CA MET A 91 -3.22 6.34 6.98
C MET A 91 -2.07 6.84 6.12
N VAL A 92 -2.32 6.93 4.81
CA VAL A 92 -1.28 7.27 3.86
C VAL A 92 -1.48 8.70 3.37
N GLY A 93 -0.43 9.50 3.50
CA GLY A 93 -0.43 10.86 3.00
C GLY A 93 -1.43 11.79 3.63
N ILE A 94 -1.67 11.68 4.94
CA ILE A 94 -2.65 12.51 5.64
C ILE A 94 -1.92 13.46 6.56
N GLU A 95 -2.00 14.76 6.25
CA GLU A 95 -1.33 15.83 6.98
C GLU A 95 -2.32 16.93 7.27
N LEU A 96 -2.45 17.30 8.55
CA LEU A 96 -3.52 18.18 9.01
C LEU A 96 -2.95 19.42 9.69
N THR A 97 -3.72 20.51 9.63
CA THR A 97 -3.33 21.79 10.21
C THR A 97 -4.03 21.97 11.55
N PRO A 98 -3.30 22.02 12.66
CA PRO A 98 -3.94 22.19 13.96
C PRO A 98 -4.50 23.59 14.11
N PRO A 99 -5.60 23.76 14.85
CA PRO A 99 -6.40 22.71 15.53
C PRO A 99 -7.18 21.84 14.57
N VAL A 100 -7.40 20.56 14.92
CA VAL A 100 -8.12 19.61 14.09
C VAL A 100 -9.15 18.93 14.98
N THR A 101 -10.23 18.43 14.39
CA THR A 101 -11.20 17.63 15.14
C THR A 101 -11.22 16.21 14.58
N PHE A 102 -11.31 15.23 15.48
CA PHE A 102 -11.56 13.85 15.08
C PHE A 102 -12.90 13.40 15.63
N ARG A 103 -13.73 12.86 14.76
CA ARG A 103 -15.11 12.54 15.12
C ARG A 103 -15.44 11.09 14.83
N LEU A 104 -16.40 10.56 15.59
CA LEU A 104 -17.07 9.29 15.29
C LEU A 104 -18.54 9.61 15.05
N LYS A 105 -19.00 9.44 13.80
CA LYS A 105 -20.42 9.68 13.58
C LYS A 105 -21.24 8.45 13.96
N ALA A 106 -20.58 7.32 14.13
CA ALA A 106 -21.19 6.13 14.71
C ALA A 106 -20.11 5.25 15.30
N GLY A 107 -20.46 4.53 16.36
CA GLY A 107 -19.53 3.63 17.00
C GLY A 107 -19.25 4.00 18.45
N SER A 108 -18.81 3.00 19.22
CA SER A 108 -18.53 3.19 20.63
C SER A 108 -17.04 3.31 20.94
N GLY A 109 -16.17 2.79 20.07
CA GLY A 109 -14.75 2.84 20.30
C GLY A 109 -14.31 1.88 21.38
N PRO A 110 -13.06 2.02 21.85
CA PRO A 110 -12.03 3.00 21.44
C PRO A 110 -11.37 2.66 20.10
N LEU A 111 -10.90 3.69 19.41
CA LEU A 111 -10.12 3.56 18.18
C LEU A 111 -8.87 4.42 18.36
N TYR A 112 -7.71 3.77 18.40
CA TYR A 112 -6.46 4.44 18.67
C TYR A 112 -5.88 5.02 17.40
N ILE A 113 -5.53 6.31 17.45
CA ILE A 113 -4.96 7.08 16.35
C ILE A 113 -3.51 7.31 16.68
N SER A 114 -2.61 7.00 15.73
CA SER A 114 -1.18 7.19 15.93
C SER A 114 -0.60 8.07 14.83
N GLY A 115 0.18 9.06 15.24
CA GLY A 115 0.79 9.98 14.29
C GLY A 115 1.97 10.70 14.90
N GLN A 116 2.42 11.74 14.20
CA GLN A 116 3.56 12.54 14.59
C GLN A 116 3.23 14.02 14.49
N HIS A 117 3.59 14.75 15.54
CA HIS A 117 3.68 16.21 15.50
C HIS A 117 4.90 16.57 14.66
N VAL A 118 4.68 16.91 13.39
CA VAL A 118 5.76 17.18 12.46
C VAL A 118 5.88 18.69 12.29
N ALA A 119 7.11 19.19 12.30
CA ALA A 119 7.35 20.61 12.10
C ALA A 119 8.28 20.79 10.91
N MET A 120 7.72 21.21 9.78
CA MET A 120 8.52 21.43 8.58
C MET A 120 9.49 22.58 8.83
N GLU A 121 10.75 22.32 8.48
CA GLU A 121 11.83 23.28 8.63
C GLU A 121 11.73 24.36 7.56
N GLU A 122 12.37 25.49 7.83
CA GLU A 122 12.42 26.58 6.87
C GLU A 122 13.05 26.11 5.57
N ASP A 123 12.33 26.31 4.46
CA ASP A 123 12.79 25.86 3.15
C ASP A 123 12.37 26.91 2.14
N TYR A 124 13.29 27.81 1.79
CA TYR A 124 13.03 28.88 0.83
C TYR A 124 13.54 28.54 -0.57
N SER A 125 13.93 27.30 -0.80
CA SER A 125 14.42 26.87 -2.10
C SER A 125 13.32 26.95 -3.16
N SER B 16 24.18 -1.05 6.06
CA SER B 16 22.80 -1.47 6.22
C SER B 16 22.72 -2.91 6.72
N LEU B 17 22.81 -3.08 8.03
CA LEU B 17 22.74 -4.41 8.63
C LEU B 17 21.30 -4.91 8.61
N ILE B 18 21.12 -6.23 8.66
CA ILE B 18 19.78 -6.81 8.59
C ILE B 18 19.39 -7.35 9.95
N TRP B 19 18.20 -6.97 10.43
CA TRP B 19 17.79 -7.22 11.80
C TRP B 19 16.46 -7.95 11.85
N GLY B 20 16.35 -8.86 12.82
CA GLY B 20 15.10 -9.56 13.08
C GLY B 20 15.01 -9.97 14.53
N CYS B 21 13.80 -9.86 15.07
CA CYS B 21 13.56 -10.22 16.47
C CYS B 21 12.17 -10.82 16.58
N GLU B 22 11.78 -11.17 17.81
CA GLU B 22 10.48 -11.76 18.08
C GLU B 22 9.94 -11.28 19.42
N LEU B 23 8.68 -10.88 19.44
CA LEU B 23 7.97 -10.53 20.66
C LEU B 23 7.00 -11.65 21.04
N ASN B 24 7.26 -12.28 22.18
CA ASN B 24 6.49 -13.44 22.61
C ASN B 24 6.13 -13.27 24.08
N GLU B 25 5.62 -14.35 24.69
CA GLU B 25 5.17 -14.26 26.07
C GLU B 25 6.35 -14.22 27.04
N GLN B 26 7.48 -14.82 26.67
CA GLN B 26 8.72 -14.59 27.40
C GLN B 26 9.41 -13.30 26.98
N ASN B 27 8.99 -12.70 25.86
CA ASN B 27 9.63 -11.50 25.33
C ASN B 27 8.58 -10.41 25.13
N LYS B 28 7.75 -10.18 26.16
CA LYS B 28 6.77 -9.12 26.09
C LYS B 28 7.43 -7.75 25.91
N THR B 29 8.64 -7.58 26.43
CA THR B 29 9.43 -6.38 26.25
C THR B 29 10.76 -6.75 25.59
N PHE B 30 11.08 -6.07 24.49
CA PHE B 30 12.33 -6.29 23.80
C PHE B 30 13.05 -4.95 23.67
N GLU B 31 14.38 -4.98 23.82
CA GLU B 31 15.19 -3.77 23.78
C GLU B 31 16.05 -3.78 22.53
N PHE B 32 15.94 -2.74 21.73
CA PHE B 32 16.77 -2.55 20.55
C PHE B 32 17.89 -1.57 20.85
N LYS B 33 19.13 -2.03 20.67
CA LYS B 33 20.30 -1.18 20.81
C LYS B 33 21.36 -1.63 19.82
N VAL B 34 21.64 -0.77 18.84
CA VAL B 34 22.69 -1.05 17.86
C VAL B 34 24.05 -0.85 18.52
N GLU B 35 25.06 -1.53 18.01
CA GLU B 35 26.41 -1.39 18.55
C GLU B 35 26.92 0.02 18.28
N ASP B 36 27.79 0.50 19.18
CA ASP B 36 28.25 1.88 19.11
C ASP B 36 29.05 2.16 17.85
N ASP B 37 29.63 1.13 17.22
CA ASP B 37 30.43 1.34 16.02
C ASP B 37 29.59 1.97 14.91
N GLU B 38 28.39 1.44 14.66
CA GLU B 38 27.51 2.01 13.65
C GLU B 38 27.03 3.41 14.02
N GLU B 39 27.24 3.85 15.26
CA GLU B 39 26.92 5.22 15.63
C GLU B 39 27.89 6.23 15.02
N LYS B 40 28.97 5.77 14.39
CA LYS B 40 29.87 6.68 13.70
C LYS B 40 29.18 7.41 12.56
N CYS B 41 28.36 6.70 11.78
CA CYS B 41 27.59 7.29 10.70
C CYS B 41 26.12 7.22 11.12
N GLU B 42 25.44 8.37 11.13
CA GLU B 42 24.38 8.56 12.12
C GLU B 42 23.21 7.62 11.84
N HIS B 43 22.81 6.89 12.88
CA HIS B 43 22.15 5.60 12.70
C HIS B 43 20.73 5.60 13.23
N GLN B 44 19.87 4.86 12.55
CA GLN B 44 18.50 4.59 12.98
C GLN B 44 18.13 3.16 12.58
N LEU B 45 16.91 2.78 12.90
CA LEU B 45 16.38 1.47 12.54
C LEU B 45 15.12 1.63 11.70
N ALA B 46 15.14 1.05 10.50
CA ALA B 46 13.99 1.12 9.60
C ALA B 46 13.29 -0.22 9.58
N LEU B 47 11.98 -0.21 9.73
CA LEU B 47 11.22 -1.45 9.87
C LEU B 47 10.28 -1.65 8.70
N ARG B 48 10.19 -2.90 8.25
CA ARG B 48 9.42 -3.24 7.06
C ARG B 48 8.28 -4.22 7.28
N THR B 49 8.53 -5.37 7.93
CA THR B 49 7.51 -6.40 7.99
C THR B 49 7.41 -6.99 9.39
N VAL B 50 6.21 -7.49 9.70
CA VAL B 50 5.92 -8.20 10.94
C VAL B 50 5.02 -9.38 10.61
N CYS B 51 5.36 -10.55 11.13
CA CYS B 51 4.59 -11.75 10.81
C CYS B 51 4.37 -12.58 12.06
N LEU B 52 3.32 -13.41 12.05
CA LEU B 52 3.01 -14.23 13.21
C LEU B 52 4.05 -15.34 13.35
N GLY B 53 4.29 -15.74 14.61
CA GLY B 53 5.17 -16.87 14.85
C GLY B 53 4.46 -18.19 14.73
N ASP B 54 5.24 -19.27 14.76
CA ASP B 54 4.68 -20.61 14.65
C ASP B 54 3.94 -21.03 15.91
N LYS B 55 4.27 -20.43 17.06
CA LYS B 55 3.63 -20.73 18.32
C LYS B 55 2.57 -19.69 18.69
N ALA B 56 2.21 -18.82 17.76
CA ALA B 56 1.24 -17.77 18.03
C ALA B 56 -0.15 -18.37 18.25
N LYS B 57 -0.89 -17.76 19.16
CA LYS B 57 -2.25 -18.17 19.48
C LYS B 57 -3.25 -17.28 18.77
N ASP B 58 -4.52 -17.70 18.81
CA ASP B 58 -5.60 -16.96 18.16
C ASP B 58 -6.15 -15.91 19.14
N GLU B 59 -5.40 -14.82 19.25
CA GLU B 59 -5.80 -13.69 20.08
C GLU B 59 -5.19 -12.42 19.51
N PHE B 60 -5.57 -11.29 20.11
CA PHE B 60 -5.08 -9.99 19.66
C PHE B 60 -3.74 -9.68 20.31
N HIS B 61 -2.73 -9.44 19.47
CA HIS B 61 -1.34 -9.29 19.88
C HIS B 61 -0.91 -7.86 19.57
N ILE B 62 -0.90 -7.00 20.59
CA ILE B 62 -0.74 -5.56 20.39
C ILE B 62 0.72 -5.18 20.60
N VAL B 63 1.42 -4.93 19.50
CA VAL B 63 2.82 -4.51 19.48
C VAL B 63 2.88 -2.99 19.42
N GLU B 64 3.72 -2.42 20.29
CA GLU B 64 3.95 -0.99 20.41
C GLU B 64 5.43 -0.69 20.28
N ILE B 65 5.72 0.49 19.72
CA ILE B 65 7.06 1.08 19.75
C ILE B 65 7.09 2.09 20.90
N VAL B 66 8.11 1.98 21.76
CA VAL B 66 8.13 2.67 23.03
C VAL B 66 9.44 3.46 23.14
N THR B 67 9.30 4.74 23.48
CA THR B 67 10.41 5.62 23.82
C THR B 67 9.97 6.54 24.95
N GLN B 68 10.72 7.61 25.18
CA GLN B 68 10.44 8.55 26.27
C GLN B 68 9.80 9.82 25.72
N GLU B 69 8.67 10.19 26.30
CA GLU B 69 7.99 11.45 25.99
C GLU B 69 7.56 12.10 27.30
N GLU B 70 7.86 13.39 27.43
CA GLU B 70 7.57 14.17 28.64
C GLU B 70 8.28 13.58 29.85
N GLY B 71 9.32 12.77 29.62
CA GLY B 71 10.02 12.09 30.69
C GLY B 71 9.39 10.78 31.11
N ALA B 72 8.24 10.42 30.57
CA ALA B 72 7.55 9.20 30.93
C ALA B 72 7.63 8.17 29.81
N GLU B 73 7.35 6.92 30.14
CA GLU B 73 7.36 5.83 29.16
C GLU B 73 6.16 5.96 28.24
N LYS B 74 6.43 6.33 26.99
CA LYS B 74 5.38 6.54 25.98
C LYS B 74 5.37 5.34 25.04
N SER B 75 4.17 4.79 24.85
CA SER B 75 3.97 3.65 23.96
C SER B 75 3.16 4.06 22.74
N VAL B 76 3.48 3.46 21.61
CA VAL B 76 2.79 3.70 20.35
C VAL B 76 2.26 2.39 19.80
N PRO B 77 0.99 2.07 20.01
CA PRO B 77 0.41 0.88 19.38
C PRO B 77 0.62 0.91 17.87
N ILE B 78 1.43 -0.03 17.39
CA ILE B 78 1.74 -0.15 15.97
C ILE B 78 0.85 -1.17 15.29
N ALA B 79 0.71 -2.36 15.88
CA ALA B 79 -0.09 -3.40 15.22
C ALA B 79 -0.75 -4.28 16.26
N THR B 80 -1.79 -5.02 15.81
CA THR B 80 -2.48 -5.99 16.65
C THR B 80 -2.74 -7.25 15.84
N LEU B 81 -1.80 -8.19 15.88
CA LEU B 81 -1.88 -9.36 15.01
C LEU B 81 -2.78 -10.42 15.62
N LYS B 82 -3.53 -11.11 14.74
CA LYS B 82 -4.46 -12.16 15.13
C LYS B 82 -4.66 -13.09 13.93
N PRO B 83 -4.50 -14.41 14.11
CA PRO B 83 -4.65 -15.32 12.96
C PRO B 83 -6.02 -15.25 12.29
N SER B 84 -7.07 -14.93 13.03
CA SER B 84 -8.42 -14.93 12.51
C SER B 84 -8.83 -13.61 11.87
N ILE B 85 -8.02 -12.55 11.99
CA ILE B 85 -8.37 -11.26 11.40
C ILE B 85 -7.29 -10.82 10.42
N LEU B 86 -6.08 -10.59 10.92
CA LEU B 86 -4.92 -10.27 10.09
C LEU B 86 -3.66 -10.57 10.90
N PRO B 87 -2.97 -11.66 10.55
CA PRO B 87 -1.74 -12.02 11.29
C PRO B 87 -0.49 -11.31 10.80
N MET B 88 -0.61 -10.32 9.92
CA MET B 88 0.57 -9.73 9.29
C MET B 88 0.50 -8.21 9.35
N ALA B 89 1.66 -7.58 9.16
CA ALA B 89 1.72 -6.13 9.03
C ALA B 89 2.92 -5.77 8.16
N THR B 90 2.72 -4.79 7.29
CA THR B 90 3.78 -4.21 6.48
C THR B 90 4.07 -2.80 6.97
N MET B 91 5.23 -2.61 7.59
CA MET B 91 5.53 -1.38 8.30
C MET B 91 6.09 -0.35 7.32
N VAL B 92 5.30 0.70 7.07
CA VAL B 92 5.64 1.70 6.06
C VAL B 92 6.09 2.98 6.75
N GLY B 93 7.29 3.45 6.38
CA GLY B 93 7.81 4.71 6.86
C GLY B 93 8.07 4.78 8.35
N ILE B 94 8.55 3.69 8.96
CA ILE B 94 8.79 3.64 10.39
C ILE B 94 10.30 3.59 10.64
N GLU B 95 10.83 4.66 11.23
CA GLU B 95 12.25 4.81 11.49
C GLU B 95 12.43 5.25 12.94
N LEU B 96 13.26 4.52 13.69
CA LEU B 96 13.35 4.68 15.13
C LEU B 96 14.78 4.98 15.56
N THR B 97 14.90 5.70 16.68
CA THR B 97 16.20 6.09 17.22
C THR B 97 16.58 5.16 18.36
N PRO B 98 17.65 4.37 18.21
CA PRO B 98 18.04 3.46 19.29
C PRO B 98 18.59 4.22 20.49
N PRO B 99 18.39 3.72 21.71
CA PRO B 99 17.65 2.49 22.08
C PRO B 99 16.14 2.63 21.89
N VAL B 100 15.46 1.53 21.56
CA VAL B 100 14.01 1.52 21.36
C VAL B 100 13.45 0.36 22.16
N THR B 101 12.17 0.44 22.54
CA THR B 101 11.51 -0.69 23.18
C THR B 101 10.37 -1.18 22.29
N PHE B 102 10.21 -2.49 22.20
CA PHE B 102 9.05 -3.09 21.56
C PHE B 102 8.25 -3.86 22.61
N ARG B 103 6.95 -3.58 22.67
CA ARG B 103 6.10 -4.11 23.73
C ARG B 103 4.91 -4.84 23.16
N LEU B 104 4.41 -5.81 23.93
CA LEU B 104 3.10 -6.41 23.72
C LEU B 104 2.24 -6.10 24.94
N LYS B 105 1.21 -5.28 24.75
CA LYS B 105 0.34 -5.00 25.91
C LYS B 105 -0.67 -6.11 26.09
N ALA B 106 -0.84 -6.96 25.07
CA ALA B 106 -1.62 -8.18 25.18
C ALA B 106 -1.14 -9.16 24.12
N GLY B 107 -1.23 -10.44 24.42
CA GLY B 107 -0.84 -11.48 23.49
C GLY B 107 0.31 -12.33 23.99
N SER B 108 0.40 -13.54 23.44
CA SER B 108 1.43 -14.49 23.83
C SER B 108 2.58 -14.58 22.84
N GLY B 109 2.36 -14.21 21.58
CA GLY B 109 3.39 -14.29 20.58
C GLY B 109 3.67 -15.72 20.15
N PRO B 110 4.77 -15.93 19.42
CA PRO B 110 5.75 -14.95 18.93
C PRO B 110 5.26 -14.12 17.76
N LEU B 111 5.80 -12.91 17.63
CA LEU B 111 5.55 -12.01 16.50
C LEU B 111 6.91 -11.55 16.01
N TYR B 112 7.27 -11.94 14.80
CA TYR B 112 8.59 -11.67 14.26
C TYR B 112 8.61 -10.29 13.60
N ILE B 113 9.61 -9.49 13.98
CA ILE B 113 9.82 -8.13 13.52
C ILE B 113 11.04 -8.18 12.60
N SER B 114 10.91 -7.61 11.40
CA SER B 114 12.00 -7.57 10.44
C SER B 114 12.30 -6.14 10.00
N GLY B 115 13.58 -5.78 10.04
CA GLY B 115 13.99 -4.45 9.66
C GLY B 115 15.47 -4.40 9.32
N GLN B 116 15.98 -3.18 9.22
CA GLN B 116 17.36 -2.91 8.87
C GLN B 116 17.96 -1.89 9.82
N HIS B 117 19.17 -2.21 10.28
CA HIS B 117 20.05 -1.24 10.92
C HIS B 117 20.57 -0.32 9.84
N VAL B 118 19.97 0.87 9.71
CA VAL B 118 20.32 1.80 8.64
C VAL B 118 21.17 2.90 9.23
N ALA B 119 22.23 3.26 8.52
CA ALA B 119 23.09 4.35 8.95
C ALA B 119 23.15 5.41 7.86
N MET B 120 22.46 6.52 8.09
CA MET B 120 22.45 7.61 7.13
C MET B 120 23.86 8.21 7.02
N GLU B 121 24.30 8.36 5.78
CA GLU B 121 25.61 8.91 5.46
C GLU B 121 25.62 10.42 5.68
N GLU B 122 26.82 10.97 5.84
CA GLU B 122 26.97 12.40 5.98
C GLU B 122 26.41 13.13 4.77
N ASP B 123 25.50 14.07 5.02
CA ASP B 123 24.83 14.80 3.95
C ASP B 123 24.64 16.24 4.42
N TYR B 124 25.55 17.12 4.01
CA TYR B 124 25.52 18.52 4.39
C TYR B 124 24.90 19.40 3.31
N SER B 125 24.30 18.79 2.29
CA SER B 125 23.66 19.53 1.21
C SER B 125 22.46 20.35 1.73
N SER C 16 17.98 -3.80 -17.35
CA SER C 16 16.94 -4.27 -16.43
C SER C 16 16.32 -5.57 -16.94
N LEU C 17 16.95 -6.69 -16.61
CA LEU C 17 16.46 -8.00 -17.02
C LEU C 17 15.25 -8.38 -16.18
N ILE C 18 14.40 -9.26 -16.70
CA ILE C 18 13.19 -9.65 -15.98
C ILE C 18 13.34 -11.07 -15.46
N TRP C 19 13.05 -11.27 -14.17
CA TRP C 19 13.35 -12.50 -13.48
C TRP C 19 12.11 -13.08 -12.81
N GLY C 20 12.03 -14.40 -12.84
CA GLY C 20 10.98 -15.11 -12.13
C GLY C 20 11.44 -16.50 -11.73
N CYS C 21 11.01 -16.93 -10.55
CA CYS C 21 11.39 -18.24 -10.04
C CYS C 21 10.21 -18.78 -9.23
N GLU C 22 10.41 -19.97 -8.65
CA GLU C 22 9.37 -20.63 -7.86
C GLU C 22 10.01 -21.39 -6.70
N LEU C 23 9.44 -21.21 -5.50
CA LEU C 23 9.83 -21.97 -4.33
C LEU C 23 8.78 -23.03 -4.02
N ASN C 24 9.17 -24.30 -4.13
CA ASN C 24 8.24 -25.40 -3.97
C ASN C 24 8.87 -26.46 -3.06
N GLU C 25 8.24 -27.64 -3.01
CA GLU C 25 8.73 -28.68 -2.10
C GLU C 25 9.99 -29.33 -2.62
N GLN C 26 10.18 -29.37 -3.95
CA GLN C 26 11.47 -29.70 -4.52
C GLN C 26 12.44 -28.53 -4.54
N ASN C 27 11.93 -27.31 -4.31
CA ASN C 27 12.75 -26.11 -4.38
C ASN C 27 12.61 -25.31 -3.08
N LYS C 28 12.76 -26.01 -1.95
CA LYS C 28 12.70 -25.33 -0.66
C LYS C 28 13.81 -24.29 -0.53
N THR C 29 14.95 -24.52 -1.19
CA THR C 29 16.04 -23.57 -1.25
C THR C 29 16.33 -23.22 -2.70
N PHE C 30 16.35 -21.93 -3.00
CA PHE C 30 16.66 -21.46 -4.35
C PHE C 30 17.82 -20.48 -4.25
N GLU C 31 18.72 -20.54 -5.23
CA GLU C 31 19.90 -19.70 -5.25
C GLU C 31 19.81 -18.70 -6.40
N PHE C 32 19.91 -17.41 -6.06
CA PHE C 32 19.93 -16.34 -7.04
C PHE C 32 21.37 -15.89 -7.29
N LYS C 33 21.79 -15.97 -8.55
CA LYS C 33 23.09 -15.48 -8.96
C LYS C 33 22.99 -14.93 -10.38
N VAL C 34 23.15 -13.62 -10.52
CA VAL C 34 23.14 -12.99 -11.83
C VAL C 34 24.47 -13.29 -12.53
N GLU C 35 24.45 -13.28 -13.86
CA GLU C 35 25.67 -13.53 -14.62
C GLU C 35 26.67 -12.40 -14.39
N ASP C 36 27.96 -12.74 -14.49
CA ASP C 36 29.00 -11.78 -14.16
C ASP C 36 29.01 -10.58 -15.10
N ASP C 37 28.46 -10.73 -16.31
CA ASP C 37 28.46 -9.62 -17.26
C ASP C 37 27.72 -8.42 -16.69
N GLU C 38 26.53 -8.62 -16.14
CA GLU C 38 25.77 -7.54 -15.53
C GLU C 38 26.47 -6.95 -14.31
N GLU C 39 27.49 -7.63 -13.77
CA GLU C 39 28.28 -7.06 -12.69
C GLU C 39 29.15 -5.90 -13.13
N LYS C 40 29.24 -5.64 -14.44
CA LYS C 40 29.99 -4.48 -14.92
C LYS C 40 29.38 -3.18 -14.43
N CYS C 41 28.05 -3.06 -14.45
CA CYS C 41 27.33 -1.90 -13.94
C CYS C 41 26.58 -2.35 -12.69
N GLU C 42 26.82 -1.67 -11.58
CA GLU C 42 26.77 -2.36 -10.29
C GLU C 42 25.34 -2.82 -9.97
N HIS C 43 25.20 -4.10 -9.66
CA HIS C 43 23.96 -4.81 -9.89
C HIS C 43 23.33 -5.30 -8.59
N GLN C 44 22.00 -5.31 -8.56
CA GLN C 44 21.21 -5.88 -7.49
C GLN C 44 19.95 -6.50 -8.08
N LEU C 45 19.12 -7.06 -7.22
CA LEU C 45 17.85 -7.64 -7.62
C LEU C 45 16.71 -6.95 -6.88
N ALA C 46 15.76 -6.40 -7.63
CA ALA C 46 14.61 -5.72 -7.05
C ALA C 46 13.39 -6.60 -7.21
N LEU C 47 12.64 -6.79 -6.13
CA LEU C 47 11.52 -7.71 -6.13
C LEU C 47 10.19 -6.99 -5.96
N ARG C 48 9.19 -7.45 -6.70
CA ARG C 48 7.90 -6.78 -6.71
C ARG C 48 6.73 -7.65 -6.25
N THR C 49 6.56 -8.86 -6.79
CA THR C 49 5.35 -9.61 -6.51
C THR C 49 5.66 -11.07 -6.23
N VAL C 50 4.78 -11.69 -5.45
CA VAL C 50 4.84 -13.13 -5.13
C VAL C 50 3.41 -13.66 -5.17
N CYS C 51 3.22 -14.79 -5.84
CA CYS C 51 1.88 -15.34 -5.99
C CYS C 51 1.91 -16.85 -5.79
N LEU C 52 0.78 -17.42 -5.40
CA LEU C 52 0.71 -18.85 -5.17
C LEU C 52 0.80 -19.61 -6.48
N GLY C 53 1.37 -20.82 -6.42
CA GLY C 53 1.41 -21.67 -7.59
C GLY C 53 0.12 -22.46 -7.76
N ASP C 54 0.02 -23.12 -8.92
CA ASP C 54 -1.16 -23.92 -9.21
C ASP C 54 -1.21 -25.20 -8.40
N LYS C 55 -0.07 -25.68 -7.92
CA LYS C 55 0.01 -26.90 -7.11
C LYS C 55 0.13 -26.57 -5.62
N ALA C 56 -0.08 -25.31 -5.24
CA ALA C 56 0.04 -24.92 -3.85
C ALA C 56 -1.05 -25.55 -3.00
N LYS C 57 -0.70 -25.89 -1.77
CA LYS C 57 -1.64 -26.48 -0.82
C LYS C 57 -2.13 -25.43 0.15
N ASP C 58 -3.16 -25.79 0.93
CA ASP C 58 -3.74 -24.89 1.91
C ASP C 58 -2.98 -25.00 3.23
N GLU C 59 -1.81 -24.36 3.26
CA GLU C 59 -1.00 -24.30 4.47
C GLU C 59 -0.18 -23.02 4.44
N PHE C 60 0.54 -22.78 5.54
CA PHE C 60 1.37 -21.59 5.66
C PHE C 60 2.73 -21.82 5.02
N HIS C 61 3.07 -20.97 4.06
CA HIS C 61 4.25 -21.11 3.21
C HIS C 61 5.18 -19.93 3.51
N ILE C 62 6.22 -20.17 4.32
CA ILE C 62 7.03 -19.10 4.87
C ILE C 62 8.29 -18.94 4.02
N VAL C 63 8.30 -17.89 3.18
CA VAL C 63 9.42 -17.53 2.32
C VAL C 63 10.31 -16.52 3.04
N GLU C 64 11.62 -16.78 3.01
CA GLU C 64 12.65 -15.95 3.62
C GLU C 64 13.69 -15.57 2.57
N ILE C 65 14.27 -14.40 2.76
CA ILE C 65 15.46 -13.97 2.04
C ILE C 65 16.66 -14.19 2.96
N VAL C 66 17.68 -14.88 2.44
CA VAL C 66 18.76 -15.42 3.24
C VAL C 66 20.09 -14.94 2.69
N THR C 67 20.92 -14.39 3.58
CA THR C 67 22.30 -14.02 3.30
C THR C 67 23.14 -14.34 4.54
N GLN C 68 24.35 -13.80 4.60
CA GLN C 68 25.28 -14.06 5.69
C GLN C 68 25.31 -12.87 6.64
N GLU C 69 25.11 -13.15 7.93
CA GLU C 69 25.25 -12.15 8.99
C GLU C 69 26.03 -12.76 10.13
N GLU C 70 27.03 -12.02 10.62
CA GLU C 70 27.92 -12.48 11.68
C GLU C 70 28.66 -13.75 11.29
N GLY C 71 28.74 -14.03 9.99
CA GLY C 71 29.33 -15.24 9.48
C GLY C 71 28.41 -16.44 9.44
N ALA C 72 27.18 -16.31 9.95
CA ALA C 72 26.23 -17.40 9.99
C ALA C 72 25.11 -17.18 8.98
N GLU C 73 24.39 -18.25 8.67
CA GLU C 73 23.27 -18.19 7.75
C GLU C 73 22.10 -17.45 8.40
N LYS C 74 21.83 -16.24 7.92
CA LYS C 74 20.77 -15.39 8.46
C LYS C 74 19.59 -15.43 7.51
N SER C 75 18.41 -15.69 8.06
CA SER C 75 17.17 -15.75 7.31
C SER C 75 16.26 -14.58 7.70
N VAL C 76 15.53 -14.09 6.71
CA VAL C 76 14.58 -12.99 6.91
C VAL C 76 13.21 -13.44 6.43
N PRO C 77 12.33 -13.87 7.33
CA PRO C 77 10.94 -14.17 6.93
C PRO C 77 10.31 -12.98 6.23
N ILE C 78 10.04 -13.15 4.94
CA ILE C 78 9.42 -12.12 4.12
C ILE C 78 7.92 -12.30 4.03
N ALA C 79 7.45 -13.50 3.73
CA ALA C 79 6.02 -13.70 3.57
C ALA C 79 5.61 -15.10 4.00
N THR C 80 4.31 -15.28 4.27
CA THR C 80 3.76 -16.58 4.61
C THR C 80 2.44 -16.77 3.86
N LEU C 81 2.52 -17.35 2.66
CA LEU C 81 1.34 -17.42 1.80
C LEU C 81 0.47 -18.62 2.17
N LYS C 82 -0.84 -18.42 2.07
CA LYS C 82 -1.84 -19.44 2.38
C LYS C 82 -3.11 -19.12 1.62
N PRO C 83 -3.69 -20.07 0.87
CA PRO C 83 -4.91 -19.78 0.10
C PRO C 83 -6.08 -19.29 0.94
N SER C 84 -6.16 -19.73 2.20
CA SER C 84 -7.29 -19.38 3.05
C SER C 84 -7.13 -18.08 3.81
N ILE C 85 -5.95 -17.46 3.77
CA ILE C 85 -5.73 -16.21 4.49
C ILE C 85 -5.29 -15.11 3.53
N LEU C 86 -4.14 -15.30 2.90
CA LEU C 86 -3.66 -14.38 1.86
C LEU C 86 -2.61 -15.11 1.02
N PRO C 87 -2.98 -15.51 -0.20
CA PRO C 87 -2.03 -16.24 -1.06
C PRO C 87 -1.08 -15.34 -1.84
N MET C 88 -1.04 -14.04 -1.56
CA MET C 88 -0.28 -13.11 -2.40
C MET C 88 0.58 -12.20 -1.54
N ALA C 89 1.57 -11.59 -2.18
CA ALA C 89 2.37 -10.56 -1.53
C ALA C 89 2.89 -9.61 -2.58
N THR C 90 2.88 -8.32 -2.24
CA THR C 90 3.46 -7.26 -3.07
C THR C 90 4.72 -6.74 -2.38
N MET C 91 5.87 -7.02 -2.96
CA MET C 91 7.15 -6.77 -2.29
C MET C 91 7.58 -5.33 -2.55
N VAL C 92 7.56 -4.52 -1.49
CA VAL C 92 7.82 -3.09 -1.60
C VAL C 92 9.20 -2.78 -1.04
N GLY C 93 10.03 -2.12 -1.86
CA GLY C 93 11.33 -1.67 -1.44
C GLY C 93 12.31 -2.77 -1.05
N ILE C 94 12.31 -3.90 -1.75
CA ILE C 94 13.18 -5.02 -1.43
C ILE C 94 14.23 -5.16 -2.53
N GLU C 95 15.48 -4.91 -2.18
CA GLU C 95 16.62 -4.94 -3.09
C GLU C 95 17.73 -5.76 -2.47
N LEU C 96 18.22 -6.76 -3.20
CA LEU C 96 19.12 -7.76 -2.67
C LEU C 96 20.42 -7.83 -3.46
N THR C 97 21.48 -8.22 -2.77
CA THR C 97 22.81 -8.32 -3.37
C THR C 97 23.11 -9.77 -3.73
N PRO C 98 23.26 -10.10 -5.01
CA PRO C 98 23.54 -11.49 -5.38
C PRO C 98 24.94 -11.89 -4.97
N PRO C 99 25.17 -13.17 -4.63
CA PRO C 99 24.18 -14.27 -4.55
C PRO C 99 23.21 -14.13 -3.38
N VAL C 100 21.97 -14.60 -3.54
CA VAL C 100 20.94 -14.53 -2.51
C VAL C 100 20.34 -15.92 -2.38
N THR C 101 19.78 -16.23 -1.21
CA THR C 101 19.04 -17.47 -1.04
C THR C 101 17.58 -17.17 -0.75
N PHE C 102 16.68 -17.94 -1.33
CA PHE C 102 15.26 -17.90 -0.98
C PHE C 102 14.86 -19.24 -0.38
N ARG C 103 14.23 -19.18 0.79
CA ARG C 103 13.94 -20.38 1.56
C ARG C 103 12.46 -20.46 1.90
N LEU C 104 11.99 -21.70 2.07
CA LEU C 104 10.70 -22.00 2.70
C LEU C 104 10.98 -22.78 3.97
N LYS C 105 10.70 -22.17 5.12
CA LYS C 105 10.91 -22.94 6.36
C LYS C 105 9.72 -23.84 6.64
N ALA C 106 8.60 -23.59 5.95
CA ALA C 106 7.46 -24.50 5.96
C ALA C 106 6.65 -24.27 4.70
N GLY C 107 6.01 -25.34 4.21
CA GLY C 107 5.19 -25.25 3.04
C GLY C 107 5.68 -26.11 1.89
N SER C 108 4.76 -26.45 0.99
CA SER C 108 5.06 -27.30 -0.15
C SER C 108 5.22 -26.52 -1.45
N GLY C 109 4.65 -25.33 -1.56
CA GLY C 109 4.74 -24.55 -2.77
C GLY C 109 3.87 -25.12 -3.88
N PRO C 110 4.05 -24.63 -5.11
CA PRO C 110 5.00 -23.58 -5.54
C PRO C 110 4.55 -22.17 -5.16
N LEU C 111 5.52 -21.28 -4.99
CA LEU C 111 5.30 -19.85 -4.75
C LEU C 111 6.17 -19.10 -5.75
N TYR C 112 5.53 -18.39 -6.69
CA TYR C 112 6.25 -17.72 -7.76
C TYR C 112 6.72 -16.35 -7.31
N ILE C 113 8.00 -16.08 -7.53
CA ILE C 113 8.68 -14.85 -7.16
C ILE C 113 8.95 -14.10 -8.45
N SER C 114 8.57 -12.82 -8.51
CA SER C 114 8.80 -12.00 -9.69
C SER C 114 9.57 -10.73 -9.35
N GLY C 115 10.61 -10.47 -10.14
CA GLY C 115 11.44 -9.30 -9.90
C GLY C 115 12.23 -8.93 -11.14
N GLN C 116 13.20 -8.04 -10.94
CA GLN C 116 14.04 -7.53 -12.01
C GLN C 116 15.50 -7.58 -11.59
N HIS C 117 16.33 -8.08 -12.52
CA HIS C 117 17.77 -7.90 -12.46
C HIS C 117 18.07 -6.45 -12.78
N VAL C 118 18.29 -5.63 -11.75
CA VAL C 118 18.50 -4.20 -11.94
C VAL C 118 19.98 -3.91 -11.81
N ALA C 119 20.50 -3.07 -12.71
CA ALA C 119 21.90 -2.67 -12.65
C ALA C 119 21.98 -1.16 -12.55
N MET C 120 22.30 -0.66 -11.35
CA MET C 120 22.41 0.77 -11.13
C MET C 120 23.59 1.30 -11.95
N GLU C 121 23.31 2.39 -12.67
CA GLU C 121 24.28 3.06 -13.52
C GLU C 121 25.27 3.85 -12.67
N GLU C 122 26.43 4.14 -13.26
CA GLU C 122 27.44 4.95 -12.57
C GLU C 122 26.87 6.31 -12.22
N ASP C 123 26.95 6.66 -10.94
CA ASP C 123 26.41 7.91 -10.44
C ASP C 123 27.35 8.44 -9.38
N TYR C 124 28.21 9.37 -9.77
CA TYR C 124 29.21 9.97 -8.88
C TYR C 124 28.76 11.33 -8.35
N SER C 125 27.50 11.69 -8.57
CA SER C 125 26.96 12.95 -8.09
C SER C 125 26.94 13.01 -6.57
N SER D 16 -0.62 11.75 -22.29
CA SER D 16 -1.03 10.69 -21.37
C SER D 16 -2.43 10.19 -21.71
N LEU D 17 -2.51 9.25 -22.65
CA LEU D 17 -3.79 8.68 -23.05
C LEU D 17 -4.28 7.73 -21.98
N ILE D 18 -5.59 7.49 -21.95
CA ILE D 18 -6.16 6.62 -20.91
C ILE D 18 -6.61 5.31 -21.55
N TRP D 19 -6.20 4.19 -20.95
CA TRP D 19 -6.34 2.88 -21.56
C TRP D 19 -7.07 1.91 -20.62
N GLY D 20 -7.89 1.07 -21.22
CA GLY D 20 -8.56 0.01 -20.49
C GLY D 20 -8.87 -1.16 -21.40
N CYS D 21 -8.72 -2.36 -20.86
CA CYS D 21 -8.98 -3.58 -21.61
C CYS D 21 -9.56 -4.62 -20.66
N GLU D 22 -9.82 -5.82 -21.20
CA GLU D 22 -10.37 -6.91 -20.42
C GLU D 22 -9.81 -8.24 -20.88
N LEU D 23 -9.39 -9.07 -19.92
CA LEU D 23 -8.96 -10.43 -20.19
C LEU D 23 -10.04 -11.43 -19.76
N ASN D 24 -10.60 -12.14 -20.74
CA ASN D 24 -11.71 -13.04 -20.50
C ASN D 24 -11.44 -14.36 -21.20
N GLU D 25 -12.47 -15.21 -21.26
CA GLU D 25 -12.28 -16.54 -21.83
C GLU D 25 -12.18 -16.49 -23.35
N GLN D 26 -12.81 -15.50 -23.99
CA GLN D 26 -12.53 -15.20 -25.39
C GLN D 26 -11.27 -14.36 -25.57
N ASN D 27 -10.75 -13.78 -24.50
CA ASN D 27 -9.60 -12.88 -24.57
C ASN D 27 -8.52 -13.37 -23.60
N LYS D 28 -8.21 -14.66 -23.65
CA LYS D 28 -7.15 -15.20 -22.81
C LYS D 28 -5.81 -14.56 -23.12
N THR D 29 -5.60 -14.14 -24.38
CA THR D 29 -4.42 -13.41 -24.78
C THR D 29 -4.84 -12.06 -25.37
N PHE D 30 -4.25 -10.99 -24.85
CA PHE D 30 -4.52 -9.65 -25.34
C PHE D 30 -3.20 -9.01 -25.74
N GLU D 31 -3.22 -8.25 -26.83
CA GLU D 31 -2.02 -7.61 -27.36
C GLU D 31 -2.13 -6.10 -27.20
N PHE D 32 -1.14 -5.52 -26.52
CA PHE D 32 -1.05 -4.07 -26.36
C PHE D 32 -0.05 -3.51 -27.36
N LYS D 33 -0.53 -2.57 -28.19
CA LYS D 33 0.33 -1.85 -29.13
C LYS D 33 -0.20 -0.43 -29.28
N VAL D 34 0.58 0.53 -28.80
CA VAL D 34 0.22 1.93 -28.96
C VAL D 34 0.48 2.36 -30.40
N GLU D 35 -0.25 3.37 -30.86
CA GLU D 35 -0.07 3.86 -32.21
C GLU D 35 1.30 4.48 -32.37
N ASP D 36 1.85 4.42 -33.60
CA ASP D 36 3.22 4.86 -33.83
C ASP D 36 3.40 6.35 -33.58
N ASP D 37 2.33 7.14 -33.65
CA ASP D 37 2.45 8.57 -33.44
C ASP D 37 3.00 8.88 -32.05
N GLU D 38 2.46 8.25 -31.01
CA GLU D 38 2.95 8.44 -29.66
C GLU D 38 4.38 7.95 -29.49
N GLU D 39 4.90 7.17 -30.44
CA GLU D 39 6.30 6.76 -30.38
C GLU D 39 7.26 7.92 -30.66
N LYS D 40 6.75 9.08 -31.08
CA LYS D 40 7.61 10.24 -31.26
C LYS D 40 8.26 10.68 -29.96
N CYS D 41 7.50 10.68 -28.86
CA CYS D 41 8.01 11.00 -27.54
C CYS D 41 7.98 9.72 -26.72
N GLU D 42 9.13 9.32 -26.16
CA GLU D 42 9.40 7.90 -26.01
C GLU D 42 8.44 7.28 -24.99
N HIS D 43 7.79 6.19 -25.41
CA HIS D 43 6.50 5.82 -24.86
C HIS D 43 6.54 4.49 -24.14
N GLN D 44 5.74 4.38 -23.08
CA GLN D 44 5.52 3.14 -22.35
C GLN D 44 4.07 3.11 -21.87
N LEU D 45 3.71 2.04 -21.18
CA LEU D 45 2.39 1.88 -20.61
C LEU D 45 2.49 1.69 -19.10
N ALA D 46 1.83 2.56 -18.35
CA ALA D 46 1.83 2.49 -16.89
C ALA D 46 0.49 1.96 -16.41
N LEU D 47 0.53 0.98 -15.52
CA LEU D 47 -0.69 0.31 -15.11
C LEU D 47 -0.97 0.55 -13.64
N ARG D 48 -2.26 0.76 -13.33
CA ARG D 48 -2.67 1.12 -11.98
C ARG D 48 -3.63 0.13 -11.32
N THR D 49 -4.73 -0.25 -11.98
CA THR D 49 -5.75 -1.04 -11.29
C THR D 49 -6.24 -2.17 -12.18
N VAL D 50 -6.72 -3.23 -11.51
CA VAL D 50 -7.32 -4.39 -12.14
C VAL D 50 -8.52 -4.79 -11.29
N CYS D 51 -9.66 -5.04 -11.94
CA CYS D 51 -10.88 -5.37 -11.21
C CYS D 51 -11.62 -6.50 -11.92
N LEU D 52 -12.42 -7.23 -11.14
CA LEU D 52 -13.17 -8.35 -11.73
C LEU D 52 -14.27 -7.84 -12.64
N GLY D 53 -14.59 -8.63 -13.67
CA GLY D 53 -15.69 -8.30 -14.54
C GLY D 53 -17.01 -8.76 -13.98
N ASP D 54 -18.09 -8.32 -14.64
CA ASP D 54 -19.43 -8.69 -14.20
C ASP D 54 -19.76 -10.14 -14.51
N LYS D 55 -19.07 -10.75 -15.48
CA LYS D 55 -19.28 -12.14 -15.85
C LYS D 55 -18.22 -13.05 -15.25
N ALA D 56 -17.41 -12.54 -14.32
CA ALA D 56 -16.34 -13.33 -13.73
C ALA D 56 -16.91 -14.45 -12.86
N LYS D 57 -16.23 -15.59 -12.88
CA LYS D 57 -16.62 -16.74 -12.09
C LYS D 57 -15.78 -16.83 -10.83
N ASP D 58 -16.19 -17.71 -9.92
CA ASP D 58 -15.48 -17.91 -8.66
C ASP D 58 -14.37 -18.94 -8.85
N GLU D 59 -13.27 -18.47 -9.44
CA GLU D 59 -12.09 -19.29 -9.62
C GLU D 59 -10.86 -18.39 -9.64
N PHE D 60 -9.70 -19.03 -9.70
CA PHE D 60 -8.43 -18.29 -9.72
C PHE D 60 -8.09 -17.87 -11.15
N HIS D 61 -7.92 -16.56 -11.33
CA HIS D 61 -7.74 -15.94 -12.65
C HIS D 61 -6.33 -15.34 -12.70
N ILE D 62 -5.40 -16.05 -13.33
CA ILE D 62 -3.98 -15.71 -13.25
C ILE D 62 -3.60 -14.88 -14.48
N VAL D 63 -3.43 -13.57 -14.26
CA VAL D 63 -3.02 -12.62 -15.28
C VAL D 63 -1.51 -12.44 -15.22
N GLU D 64 -0.88 -12.50 -16.40
CA GLU D 64 0.56 -12.36 -16.59
C GLU D 64 0.84 -11.27 -17.60
N ILE D 65 1.97 -10.59 -17.40
CA ILE D 65 2.55 -9.69 -18.39
C ILE D 65 3.65 -10.47 -19.13
N VAL D 66 3.59 -10.45 -20.46
CA VAL D 66 4.38 -11.34 -21.29
C VAL D 66 5.17 -10.52 -22.31
N THR D 67 6.47 -10.79 -22.37
CA THR D 67 7.37 -10.25 -23.38
C THR D 67 8.37 -11.35 -23.77
N GLN D 68 9.45 -10.95 -24.44
CA GLN D 68 10.46 -11.90 -24.90
C GLN D 68 11.69 -11.85 -24.00
N GLU D 69 12.11 -13.01 -23.52
CA GLU D 69 13.34 -13.15 -22.75
C GLU D 69 14.09 -14.38 -23.26
N GLU D 70 15.39 -14.21 -23.51
CA GLU D 70 16.25 -15.25 -24.06
C GLU D 70 15.75 -15.73 -25.42
N GLY D 71 14.93 -14.91 -26.09
CA GLY D 71 14.31 -15.29 -27.34
C GLY D 71 13.03 -16.09 -27.21
N ALA D 72 12.65 -16.46 -26.00
CA ALA D 72 11.45 -17.26 -25.78
C ALA D 72 10.35 -16.43 -25.13
N GLU D 73 9.13 -16.94 -25.21
CA GLU D 73 7.98 -16.27 -24.62
C GLU D 73 8.05 -16.36 -23.10
N LYS D 74 8.33 -15.22 -22.46
CA LYS D 74 8.46 -15.15 -21.01
C LYS D 74 7.20 -14.53 -20.43
N SER D 75 6.64 -15.21 -19.43
CA SER D 75 5.44 -14.74 -18.74
C SER D 75 5.77 -14.34 -17.31
N VAL D 76 5.08 -13.31 -16.84
CA VAL D 76 5.24 -12.82 -15.47
C VAL D 76 3.89 -12.83 -14.78
N PRO D 77 3.60 -13.85 -13.97
CA PRO D 77 2.37 -13.82 -13.17
C PRO D 77 2.28 -12.56 -12.33
N ILE D 78 1.31 -11.72 -12.66
CA ILE D 78 1.08 -10.46 -11.97
C ILE D 78 0.02 -10.60 -10.89
N ALA D 79 -1.12 -11.19 -11.23
CA ALA D 79 -2.20 -11.29 -10.24
C ALA D 79 -3.01 -12.55 -10.46
N THR D 80 -3.76 -12.95 -9.43
CA THR D 80 -4.67 -14.08 -9.51
C THR D 80 -5.98 -13.73 -8.84
N LEU D 81 -6.93 -13.19 -9.60
CA LEU D 81 -8.16 -12.66 -9.02
C LEU D 81 -9.17 -13.77 -8.79
N LYS D 82 -9.91 -13.65 -7.69
CA LYS D 82 -10.93 -14.61 -7.30
C LYS D 82 -11.95 -13.90 -6.40
N PRO D 83 -13.24 -14.00 -6.68
CA PRO D 83 -14.23 -13.30 -5.85
C PRO D 83 -14.20 -13.69 -4.39
N SER D 84 -13.83 -14.93 -4.08
CA SER D 84 -13.86 -15.43 -2.71
C SER D 84 -12.58 -15.14 -1.93
N ILE D 85 -11.53 -14.64 -2.57
CA ILE D 85 -10.29 -14.36 -1.85
C ILE D 85 -9.92 -12.89 -2.00
N LEU D 86 -9.66 -12.45 -3.24
CA LEU D 86 -9.41 -11.04 -3.54
C LEU D 86 -9.66 -10.82 -5.02
N PRO D 87 -10.77 -10.18 -5.38
CA PRO D 87 -11.08 -9.94 -6.79
C PRO D 87 -10.41 -8.70 -7.37
N MET D 88 -9.49 -8.06 -6.66
CA MET D 88 -8.94 -6.78 -7.09
C MET D 88 -7.43 -6.78 -7.02
N ALA D 89 -6.83 -5.84 -7.74
CA ALA D 89 -5.39 -5.62 -7.62
C ALA D 89 -5.09 -4.16 -7.94
N THR D 90 -4.17 -3.58 -7.18
CA THR D 90 -3.66 -2.24 -7.41
C THR D 90 -2.22 -2.33 -7.89
N MET D 91 -1.99 -2.01 -9.16
CA MET D 91 -0.71 -2.27 -9.80
C MET D 91 0.24 -1.12 -9.52
N VAL D 92 1.28 -1.39 -8.73
CA VAL D 92 2.20 -0.36 -8.26
C VAL D 92 3.52 -0.50 -9.00
N GLY D 93 3.96 0.60 -9.62
CA GLY D 93 5.24 0.66 -10.28
C GLY D 93 5.42 -0.29 -11.46
N ILE D 94 4.38 -0.49 -12.27
CA ILE D 94 4.44 -1.40 -13.40
C ILE D 94 4.39 -0.60 -14.69
N GLU D 95 5.49 -0.62 -15.44
CA GLU D 95 5.66 0.13 -16.67
C GLU D 95 6.21 -0.80 -17.75
N LEU D 96 5.53 -0.87 -18.89
CA LEU D 96 5.79 -1.88 -19.90
C LEU D 96 6.11 -1.23 -21.24
N THR D 97 6.91 -1.95 -22.05
CA THR D 97 7.33 -1.47 -23.36
C THR D 97 6.48 -2.11 -24.43
N PRO D 98 5.68 -1.35 -25.18
CA PRO D 98 4.85 -1.96 -26.21
C PRO D 98 5.69 -2.44 -27.39
N PRO D 99 5.28 -3.51 -28.07
CA PRO D 99 4.10 -4.34 -27.81
C PRO D 99 4.21 -5.20 -26.55
N VAL D 100 3.10 -5.46 -25.87
CA VAL D 100 3.08 -6.26 -24.65
C VAL D 100 1.99 -7.31 -24.81
N THR D 101 2.11 -8.43 -24.10
CA THR D 101 1.02 -9.41 -24.08
C THR D 101 0.47 -9.53 -22.66
N PHE D 102 -0.84 -9.65 -22.53
CA PHE D 102 -1.48 -9.97 -21.27
C PHE D 102 -2.17 -11.32 -21.40
N ARG D 103 -1.88 -12.21 -20.44
CA ARG D 103 -2.33 -13.59 -20.54
C ARG D 103 -3.09 -14.00 -19.29
N LEU D 104 -4.00 -14.97 -19.46
CA LEU D 104 -4.62 -15.71 -18.38
C LEU D 104 -4.20 -17.17 -18.53
N LYS D 105 -3.39 -17.67 -17.60
CA LYS D 105 -3.04 -19.08 -17.70
C LYS D 105 -4.13 -19.96 -17.09
N ALA D 106 -5.04 -19.36 -16.33
CA ALA D 106 -6.25 -20.02 -15.88
C ALA D 106 -7.30 -18.96 -15.57
N GLY D 107 -8.56 -19.33 -15.78
CA GLY D 107 -9.66 -18.43 -15.49
C GLY D 107 -10.48 -18.09 -16.73
N SER D 108 -11.73 -17.68 -16.48
CA SER D 108 -12.65 -17.35 -17.56
C SER D 108 -12.82 -15.86 -17.77
N GLY D 109 -12.54 -15.04 -16.75
CA GLY D 109 -12.70 -13.61 -16.87
C GLY D 109 -14.15 -13.19 -16.86
N PRO D 110 -14.43 -11.93 -17.21
CA PRO D 110 -13.48 -10.87 -17.59
C PRO D 110 -12.74 -10.26 -16.40
N LEU D 111 -11.53 -9.74 -16.67
CA LEU D 111 -10.73 -9.01 -15.70
C LEU D 111 -10.30 -7.71 -16.37
N TYR D 112 -10.80 -6.59 -15.86
CA TYR D 112 -10.55 -5.29 -16.47
C TYR D 112 -9.23 -4.71 -16.01
N ILE D 113 -8.41 -4.30 -16.97
CA ILE D 113 -7.09 -3.73 -16.76
C ILE D 113 -7.21 -2.24 -17.07
N SER D 114 -6.73 -1.39 -16.15
CA SER D 114 -6.76 0.05 -16.34
C SER D 114 -5.37 0.65 -16.21
N GLY D 115 -5.02 1.49 -17.18
CA GLY D 115 -3.71 2.13 -17.18
C GLY D 115 -3.70 3.36 -18.05
N GLN D 116 -2.48 3.84 -18.32
CA GLN D 116 -2.25 5.04 -19.12
C GLN D 116 -1.16 4.79 -20.15
N HIS D 117 -1.46 5.21 -21.38
CA HIS D 117 -0.44 5.37 -22.41
C HIS D 117 0.39 6.58 -22.04
N VAL D 118 1.56 6.35 -21.45
CA VAL D 118 2.42 7.43 -20.97
C VAL D 118 3.56 7.62 -21.95
N ALA D 119 3.86 8.87 -22.27
CA ALA D 119 4.98 9.18 -23.15
C ALA D 119 5.95 10.09 -22.43
N MET D 120 7.08 9.52 -22.01
CA MET D 120 8.09 10.30 -21.31
C MET D 120 8.68 11.34 -22.27
N GLU D 121 8.74 12.57 -21.77
CA GLU D 121 9.25 13.71 -22.51
C GLU D 121 10.78 13.65 -22.60
N GLU D 122 11.33 14.35 -23.59
CA GLU D 122 12.77 14.42 -23.74
C GLU D 122 13.41 15.00 -22.48
N ASP D 123 14.36 14.26 -21.92
CA ASP D 123 15.02 14.66 -20.68
C ASP D 123 16.49 14.27 -20.78
N TYR D 124 17.34 15.23 -21.15
CA TYR D 124 18.77 15.00 -21.32
C TYR D 124 19.57 15.44 -20.10
N SER D 125 18.89 15.77 -19.01
CA SER D 125 19.56 16.20 -17.78
C SER D 125 20.40 15.07 -17.19
N SER E 16 -5.56 24.74 -1.66
CA SER E 16 -5.93 23.33 -1.53
C SER E 16 -7.26 23.18 -0.81
N LEU E 17 -8.36 23.29 -1.56
CA LEU E 17 -9.69 23.17 -0.99
C LEU E 17 -9.99 21.71 -0.69
N ILE E 18 -10.91 21.46 0.24
CA ILE E 18 -11.22 20.09 0.63
C ILE E 18 -12.59 19.70 0.09
N TRP E 19 -12.66 18.54 -0.57
CA TRP E 19 -13.84 18.15 -1.34
C TRP E 19 -14.34 16.79 -0.90
N GLY E 20 -15.66 16.65 -0.89
CA GLY E 20 -16.30 15.38 -0.63
C GLY E 20 -17.65 15.30 -1.31
N CYS E 21 -17.96 14.11 -1.82
CA CYS E 21 -19.23 13.88 -2.51
C CYS E 21 -19.68 12.46 -2.23
N GLU E 22 -20.82 12.09 -2.81
CA GLU E 22 -21.38 10.76 -2.63
C GLU E 22 -22.05 10.29 -3.92
N LEU E 23 -21.76 9.03 -4.29
CA LEU E 23 -22.42 8.38 -5.42
C LEU E 23 -23.44 7.36 -4.91
N ASN E 24 -24.70 7.62 -5.19
CA ASN E 24 -25.79 6.79 -4.67
C ASN E 24 -26.77 6.48 -5.81
N GLU E 25 -27.93 5.93 -5.45
CA GLU E 25 -28.88 5.51 -6.47
C GLU E 25 -29.59 6.71 -7.09
N GLN E 26 -29.75 7.80 -6.35
CA GLN E 26 -30.14 9.08 -6.92
C GLN E 26 -28.98 9.82 -7.56
N ASN E 27 -27.75 9.41 -7.27
CA ASN E 27 -26.57 10.10 -7.76
C ASN E 27 -25.66 9.10 -8.49
N LYS E 28 -26.24 8.32 -9.40
CA LYS E 28 -25.45 7.38 -10.19
C LYS E 28 -24.41 8.12 -11.03
N THR E 29 -24.71 9.34 -11.44
CA THR E 29 -23.78 10.20 -12.16
C THR E 29 -23.57 11.48 -11.38
N PHE E 30 -22.31 11.81 -11.11
CA PHE E 30 -21.96 13.04 -10.41
C PHE E 30 -20.99 13.82 -11.28
N GLU E 31 -21.13 15.14 -11.29
CA GLU E 31 -20.31 16.03 -12.10
C GLU E 31 -19.41 16.87 -11.21
N PHE E 32 -18.10 16.79 -11.44
CA PHE E 32 -17.13 17.59 -10.73
C PHE E 32 -16.72 18.78 -11.60
N LYS E 33 -16.91 19.98 -11.07
CA LYS E 33 -16.46 21.21 -11.73
C LYS E 33 -16.05 22.21 -10.66
N VAL E 34 -14.76 22.51 -10.61
CA VAL E 34 -14.25 23.52 -9.69
C VAL E 34 -14.61 24.90 -10.21
N GLU E 35 -14.73 25.87 -9.30
CA GLU E 35 -15.05 27.23 -9.71
C GLU E 35 -13.92 27.82 -10.53
N ASP E 36 -14.27 28.74 -11.43
CA ASP E 36 -13.29 29.26 -12.38
C ASP E 36 -12.18 30.05 -11.69
N ASP E 37 -12.44 30.56 -10.48
CA ASP E 37 -11.42 31.33 -9.78
C ASP E 37 -10.16 30.50 -9.54
N GLU E 38 -10.30 29.28 -9.05
CA GLU E 38 -9.17 28.39 -8.84
C GLU E 38 -8.48 28.00 -10.14
N GLU E 39 -9.11 28.26 -11.29
CA GLU E 39 -8.45 28.03 -12.58
C GLU E 39 -7.34 29.03 -12.84
N LYS E 40 -7.20 30.08 -12.02
CA LYS E 40 -6.09 31.01 -12.19
C LYS E 40 -4.75 30.33 -12.00
N CYS E 41 -4.63 29.46 -10.99
CA CYS E 41 -3.43 28.68 -10.73
C CYS E 41 -3.75 27.23 -11.05
N GLU E 42 -2.97 26.62 -11.94
CA GLU E 42 -3.55 25.59 -12.81
C GLU E 42 -3.96 24.36 -11.99
N HIS E 43 -5.22 23.95 -12.18
CA HIS E 43 -5.94 23.22 -11.15
C HIS E 43 -6.30 21.81 -11.59
N GLN E 44 -6.28 20.89 -10.62
CA GLN E 44 -6.76 19.53 -10.79
C GLN E 44 -7.41 19.08 -9.49
N LEU E 45 -7.90 17.84 -9.49
CA LEU E 45 -8.49 17.23 -8.31
C LEU E 45 -7.74 15.96 -7.93
N ALA E 46 -7.25 15.92 -6.70
CA ALA E 46 -6.51 14.77 -6.22
C ALA E 46 -7.39 13.99 -5.24
N LEU E 47 -7.47 12.68 -5.44
CA LEU E 47 -8.39 11.86 -4.66
C LEU E 47 -7.64 10.89 -3.76
N ARG E 48 -8.16 10.71 -2.54
CA ARG E 48 -7.48 9.90 -1.54
C ARG E 48 -8.30 8.71 -1.04
N THR E 49 -9.55 8.92 -0.62
CA THR E 49 -10.27 7.84 0.04
C THR E 49 -11.70 7.74 -0.45
N VAL E 50 -12.25 6.53 -0.37
CA VAL E 50 -13.64 6.23 -0.70
C VAL E 50 -14.16 5.26 0.34
N CYS E 51 -15.35 5.54 0.87
CA CYS E 51 -15.91 4.71 1.94
C CYS E 51 -17.39 4.48 1.70
N LEU E 52 -17.91 3.38 2.24
CA LEU E 52 -19.32 3.06 2.05
C LEU E 52 -20.20 4.03 2.83
N GLY E 53 -21.40 4.29 2.30
CA GLY E 53 -22.36 5.11 3.00
C GLY E 53 -23.14 4.32 4.03
N ASP E 54 -23.91 5.05 4.84
CA ASP E 54 -24.72 4.41 5.87
C ASP E 54 -25.92 3.69 5.29
N LYS E 55 -26.36 4.07 4.10
CA LYS E 55 -27.49 3.44 3.43
C LYS E 55 -27.04 2.45 2.35
N ALA E 56 -25.75 2.11 2.32
CA ALA E 56 -25.24 1.21 1.31
C ALA E 56 -25.77 -0.20 1.52
N LYS E 57 -26.02 -0.89 0.41
CA LYS E 57 -26.51 -2.26 0.42
C LYS E 57 -25.36 -3.23 0.20
N ASP E 58 -25.66 -4.52 0.41
CA ASP E 58 -24.65 -5.57 0.23
C ASP E 58 -24.66 -6.03 -1.22
N GLU E 59 -24.02 -5.22 -2.06
CA GLU E 59 -23.86 -5.55 -3.47
C GLU E 59 -22.60 -4.89 -3.99
N PHE E 60 -22.27 -5.20 -5.24
CA PHE E 60 -21.08 -4.64 -5.88
C PHE E 60 -21.37 -3.26 -6.46
N HIS E 61 -20.61 -2.26 -6.01
CA HIS E 61 -20.84 -0.86 -6.33
C HIS E 61 -19.65 -0.36 -7.15
N ILE E 62 -19.81 -0.29 -8.47
CA ILE E 62 -18.70 -0.05 -9.38
C ILE E 62 -18.63 1.43 -9.72
N VAL E 63 -17.66 2.12 -9.13
CA VAL E 63 -17.40 3.54 -9.34
C VAL E 63 -16.33 3.68 -10.42
N GLU E 64 -16.60 4.57 -11.38
CA GLU E 64 -15.73 4.87 -12.51
C GLU E 64 -15.45 6.37 -12.56
N ILE E 65 -14.26 6.71 -13.04
CA ILE E 65 -13.90 8.08 -13.41
C ILE E 65 -14.07 8.19 -14.92
N VAL E 66 -14.80 9.22 -15.36
CA VAL E 66 -15.28 9.32 -16.74
C VAL E 66 -14.85 10.66 -17.32
N THR E 67 -14.24 10.60 -18.50
CA THR E 67 -13.90 11.77 -19.31
C THR E 67 -14.12 11.40 -20.78
N GLN E 68 -13.58 12.22 -21.67
CA GLN E 68 -13.74 12.01 -23.11
C GLN E 68 -12.48 11.42 -23.71
N GLU E 69 -12.63 10.32 -24.45
CA GLU E 69 -11.55 9.72 -25.20
C GLU E 69 -12.06 9.35 -26.58
N GLU E 70 -11.29 9.72 -27.61
CA GLU E 70 -11.65 9.51 -29.01
C GLU E 70 -12.97 10.21 -29.36
N GLY E 71 -13.35 11.19 -28.55
CA GLY E 71 -14.61 11.89 -28.72
C GLY E 71 -15.80 11.21 -28.08
N ALA E 72 -15.61 10.01 -27.51
CA ALA E 72 -16.70 9.27 -26.89
C ALA E 72 -16.55 9.27 -25.38
N GLU E 73 -17.64 8.93 -24.70
CA GLU E 73 -17.65 8.86 -23.24
C GLU E 73 -16.85 7.64 -22.78
N LYS E 74 -15.69 7.90 -22.19
CA LYS E 74 -14.79 6.84 -21.73
C LYS E 74 -14.90 6.74 -20.21
N SER E 75 -15.11 5.51 -19.74
CA SER E 75 -15.22 5.24 -18.32
C SER E 75 -14.02 4.43 -17.85
N VAL E 76 -13.61 4.69 -16.61
CA VAL E 76 -12.49 3.97 -15.99
C VAL E 76 -12.97 3.36 -14.68
N PRO E 77 -13.31 2.08 -14.65
CA PRO E 77 -13.64 1.42 -13.38
C PRO E 77 -12.51 1.59 -12.38
N ILE E 78 -12.80 2.34 -11.32
CA ILE E 78 -11.84 2.61 -10.25
C ILE E 78 -12.01 1.64 -9.09
N ALA E 79 -13.24 1.47 -8.62
CA ALA E 79 -13.44 0.60 -7.46
C ALA E 79 -14.79 -0.09 -7.54
N THR E 80 -14.94 -1.18 -6.76
CA THR E 80 -16.20 -1.90 -6.65
C THR E 80 -16.45 -2.25 -5.18
N LEU E 81 -17.12 -1.36 -4.46
CA LEU E 81 -17.27 -1.52 -3.03
C LEU E 81 -18.43 -2.47 -2.69
N LYS E 82 -18.22 -3.27 -1.65
CA LYS E 82 -19.20 -4.24 -1.18
C LYS E 82 -18.94 -4.52 0.30
N PRO E 83 -19.96 -4.43 1.16
CA PRO E 83 -19.72 -4.67 2.59
C PRO E 83 -19.15 -6.03 2.92
N SER E 84 -19.48 -7.04 2.12
CA SER E 84 -19.05 -8.41 2.40
C SER E 84 -17.68 -8.76 1.83
N ILE E 85 -17.08 -7.89 1.02
CA ILE E 85 -15.77 -8.19 0.44
C ILE E 85 -14.77 -7.11 0.84
N LEU E 86 -15.01 -5.88 0.40
CA LEU E 86 -14.20 -4.72 0.79
C LEU E 86 -15.02 -3.46 0.54
N PRO E 87 -15.52 -2.84 1.62
CA PRO E 87 -16.33 -1.62 1.46
C PRO E 87 -15.51 -0.34 1.32
N MET E 88 -14.19 -0.43 1.19
CA MET E 88 -13.34 0.77 1.24
C MET E 88 -12.36 0.78 0.07
N ALA E 89 -11.83 1.97 -0.19
CA ALA E 89 -10.75 2.10 -1.17
C ALA E 89 -9.88 3.30 -0.79
N THR E 90 -8.58 3.14 -0.93
CA THR E 90 -7.61 4.21 -0.75
C THR E 90 -7.03 4.59 -2.11
N MET E 91 -7.38 5.77 -2.58
CA MET E 91 -7.08 6.16 -3.96
C MET E 91 -5.67 6.73 -4.03
N VAL E 92 -4.77 6.00 -4.69
CA VAL E 92 -3.35 6.37 -4.73
C VAL E 92 -3.01 6.91 -6.10
N GLY E 93 -2.43 8.11 -6.12
CA GLY E 93 -1.95 8.72 -7.35
C GLY E 93 -3.01 9.02 -8.39
N ILE E 94 -4.20 9.45 -7.97
CA ILE E 94 -5.30 9.72 -8.90
C ILE E 94 -5.55 11.23 -8.93
N GLU E 95 -5.27 11.84 -10.10
CA GLU E 95 -5.38 13.27 -10.30
C GLU E 95 -6.16 13.50 -11.59
N LEU E 96 -7.23 14.30 -11.51
CA LEU E 96 -8.19 14.44 -12.60
C LEU E 96 -8.32 15.90 -13.02
N THR E 97 -8.67 16.08 -14.31
CA THR E 97 -8.83 17.40 -14.88
C THR E 97 -10.31 17.78 -14.94
N PRO E 98 -10.76 18.80 -14.21
CA PRO E 98 -12.17 19.15 -14.24
C PRO E 98 -12.54 19.78 -15.58
N PRO E 99 -13.79 19.58 -16.04
CA PRO E 99 -14.87 18.79 -15.43
C PRO E 99 -14.61 17.28 -15.48
N VAL E 100 -15.09 16.53 -14.49
CA VAL E 100 -14.92 15.08 -14.42
C VAL E 100 -16.30 14.48 -14.14
N THR E 101 -16.49 13.22 -14.53
CA THR E 101 -17.71 12.51 -14.17
C THR E 101 -17.37 11.32 -13.28
N PHE E 102 -18.18 11.09 -12.26
CA PHE E 102 -18.09 9.88 -11.45
C PHE E 102 -19.36 9.07 -11.63
N ARG E 103 -19.20 7.79 -11.95
CA ARG E 103 -20.33 6.94 -12.32
C ARG E 103 -20.38 5.68 -11.46
N LEU E 104 -21.58 5.15 -11.30
CA LEU E 104 -21.82 3.81 -10.78
C LEU E 104 -22.49 3.00 -11.90
N LYS E 105 -21.77 2.01 -12.43
CA LYS E 105 -22.43 1.20 -13.46
C LYS E 105 -23.29 0.12 -12.81
N ALA E 106 -23.10 -0.12 -11.52
CA ALA E 106 -24.00 -0.96 -10.73
C ALA E 106 -23.87 -0.56 -9.27
N GLY E 107 -24.97 -0.72 -8.54
CA GLY E 107 -24.98 -0.40 -7.13
C GLY E 107 -25.94 0.71 -6.76
N SER E 108 -26.35 0.73 -5.49
CA SER E 108 -27.31 1.72 -5.01
C SER E 108 -26.66 2.83 -4.21
N GLY E 109 -25.47 2.61 -3.64
CA GLY E 109 -24.81 3.60 -2.84
C GLY E 109 -25.46 3.80 -1.50
N PRO E 110 -25.09 4.86 -0.78
CA PRO E 110 -24.08 5.89 -1.13
C PRO E 110 -22.64 5.41 -0.97
N LEU E 111 -21.75 6.01 -1.75
CA LEU E 111 -20.31 5.79 -1.66
C LEU E 111 -19.65 7.15 -1.60
N TYR E 112 -19.03 7.46 -0.46
CA TYR E 112 -18.47 8.79 -0.23
C TYR E 112 -17.06 8.87 -0.81
N ILE E 113 -16.83 9.91 -1.59
CA ILE E 113 -15.56 10.20 -2.27
C ILE E 113 -14.93 11.38 -1.55
N SER E 114 -13.67 11.26 -1.16
CA SER E 114 -12.96 12.33 -0.49
C SER E 114 -11.67 12.69 -1.22
N GLY E 115 -11.49 13.99 -1.45
CA GLY E 115 -10.31 14.46 -2.15
C GLY E 115 -10.06 15.93 -1.87
N GLN E 116 -9.17 16.50 -2.68
CA GLN E 116 -8.75 17.89 -2.56
C GLN E 116 -8.78 18.57 -3.92
N HIS E 117 -9.36 19.77 -3.93
CA HIS E 117 -9.20 20.71 -5.03
C HIS E 117 -7.78 21.25 -4.94
N VAL E 118 -6.88 20.72 -5.76
CA VAL E 118 -5.47 21.09 -5.71
C VAL E 118 -5.17 22.02 -6.88
N ALA E 119 -4.42 23.08 -6.60
CA ALA E 119 -4.03 24.01 -7.65
C ALA E 119 -2.51 24.09 -7.69
N MET E 120 -1.92 23.47 -8.70
CA MET E 120 -0.47 23.50 -8.86
C MET E 120 -0.03 24.92 -9.14
N GLU E 121 0.99 25.34 -8.40
CA GLU E 121 1.58 26.67 -8.51
C GLU E 121 2.43 26.77 -9.76
N GLU E 122 2.66 28.01 -10.21
CA GLU E 122 3.52 28.24 -11.36
C GLU E 122 4.91 27.69 -11.11
N ASP E 123 5.37 26.84 -12.02
CA ASP E 123 6.68 26.18 -11.87
C ASP E 123 7.30 26.09 -13.26
N TYR E 124 8.18 27.03 -13.58
CA TYR E 124 8.85 27.08 -14.87
C TYR E 124 10.25 26.49 -14.82
N SER E 125 10.60 25.83 -13.73
CA SER E 125 11.91 25.20 -13.58
C SER E 125 12.10 24.07 -14.59
#